data_2ZYB
#
_entry.id   2ZYB
#
_cell.length_a   42.150
_cell.length_b   73.973
_cell.length_c   92.857
_cell.angle_alpha   90.00
_cell.angle_beta   90.00
_cell.angle_gamma   90.00
#
_symmetry.space_group_name_H-M   'P 21 21 21'
#
loop_
_entity.id
_entity.type
_entity.pdbx_description
1 polymer 'Proto-oncogene tyrosine-protein kinase LCK'
2 non-polymer 'SULFATE ION'
3 non-polymer N-(2,6-dimethylphenyl)-5-phenylimidazo[1,5-a]pyrazin-8-amine
4 water water
#
_entity_poly.entity_id   1
_entity_poly.type   'polypeptide(L)'
_entity_poly.pdbx_seq_one_letter_code
;QTQKPQKPWWEDEWEVPRETLKLVERLGAGQFGEVWMGYYNGHTKVAVKSLKQGSMSPDAFLAEANLMKQLQHQRLVRLY
AVVTQEPIYIITEYMENGSLVDFLKTPSGIKLTINKLLDMAAQIAEGMAFIEERNYIHRDLRAANILVSDTLSCKIADFG
LARLIEDNE(PTR)TAREGAKFPIKWTAPEAINYGTFTIKSDVWSFGILLTEIVTHGRIPYPGMTNPEVIQNLERGYRMV
RPDNCPEELYQLMRLCWKERPEDRPTFDYLRSVLEDFFTATEGQYQPQP
;
_entity_poly.pdbx_strand_id   A
#
loop_
_chem_comp.id
_chem_comp.type
_chem_comp.name
_chem_comp.formula
KSL non-polymer N-(2,6-dimethylphenyl)-5-phenylimidazo[1,5-a]pyrazin-8-amine 'C20 H18 N4'
SO4 non-polymer 'SULFATE ION' 'O4 S -2'
#
# COMPACT_ATOMS: atom_id res chain seq x y z
N LYS A 7 -17.19 14.28 15.28
CA LYS A 7 -18.37 14.81 14.52
C LYS A 7 -19.47 13.77 14.32
N PRO A 8 -20.67 14.00 14.92
CA PRO A 8 -21.69 12.93 15.13
C PRO A 8 -22.27 12.36 13.82
N TRP A 9 -22.85 11.18 13.87
CA TRP A 9 -23.22 10.47 12.64
C TRP A 9 -24.40 11.07 11.83
N TRP A 10 -25.35 11.73 12.53
CA TRP A 10 -26.49 12.44 11.92
C TRP A 10 -26.03 13.81 11.34
N GLU A 11 -24.76 14.09 11.53
CA GLU A 11 -24.11 15.20 10.84
C GLU A 11 -22.98 14.74 9.86
N ASP A 12 -22.40 13.55 10.04
CA ASP A 12 -21.29 13.08 9.17
C ASP A 12 -21.67 13.17 7.66
N GLU A 13 -20.99 14.05 6.91
CA GLU A 13 -21.12 14.05 5.45
C GLU A 13 -20.72 12.70 4.83
N TRP A 14 -20.08 11.85 5.64
CA TRP A 14 -19.62 10.55 5.20
C TRP A 14 -20.57 9.37 5.44
N GLU A 15 -21.49 9.55 6.37
CA GLU A 15 -22.50 8.52 6.73
C GLU A 15 -23.51 8.44 5.59
N VAL A 16 -23.83 7.19 5.18
CA VAL A 16 -24.93 6.89 4.21
C VAL A 16 -25.95 5.84 4.70
N PRO A 17 -27.20 6.02 4.32
CA PRO A 17 -28.22 5.03 4.70
C PRO A 17 -27.82 3.72 4.03
N ARG A 18 -28.00 2.57 4.69
CA ARG A 18 -27.47 1.31 4.17
C ARG A 18 -28.15 0.92 2.88
N GLU A 19 -29.38 1.42 2.74
CA GLU A 19 -30.21 1.20 1.56
C GLU A 19 -29.44 1.53 0.31
N THR A 20 -28.67 2.62 0.38
CA THR A 20 -28.11 3.19 -0.83
C THR A 20 -27.19 2.16 -1.49
N LEU A 21 -26.91 1.06 -0.80
CA LEU A 21 -25.90 0.13 -1.26
C LEU A 21 -26.43 -1.23 -1.67
N LYS A 22 -25.67 -1.93 -2.51
CA LYS A 22 -26.07 -3.21 -3.07
C LYS A 22 -24.84 -4.08 -3.35
N LEU A 23 -24.46 -4.88 -2.35
CA LEU A 23 -23.35 -5.86 -2.43
C LEU A 23 -23.57 -6.94 -3.53
N VAL A 24 -22.66 -7.01 -4.50
CA VAL A 24 -22.87 -7.91 -5.65
C VAL A 24 -21.90 -9.10 -5.67
N GLU A 25 -20.61 -8.83 -5.58
CA GLU A 25 -19.62 -9.90 -5.71
C GLU A 25 -18.60 -9.76 -4.57
N ARG A 26 -18.52 -10.78 -3.74
CA ARG A 26 -17.49 -10.85 -2.69
C ARG A 26 -16.14 -11.05 -3.31
N LEU A 27 -15.20 -10.15 -2.99
CA LEU A 27 -13.85 -10.20 -3.51
C LEU A 27 -12.95 -10.95 -2.55
N GLY A 28 -13.33 -10.97 -1.26
CA GLY A 28 -12.55 -11.66 -0.23
C GLY A 28 -13.15 -11.74 1.18
N ALA A 29 -12.57 -12.66 1.96
CA ALA A 29 -12.98 -12.91 3.33
C ALA A 29 -11.77 -13.28 4.19
N GLY A 30 -11.72 -12.76 5.39
CA GLY A 30 -10.77 -13.23 6.35
C GLY A 30 -11.30 -13.08 7.75
N GLN A 31 -10.36 -12.96 8.67
CA GLN A 31 -10.68 -12.94 10.07
C GLN A 31 -11.54 -11.69 10.41
N PHE A 32 -11.28 -10.57 9.73
CA PHE A 32 -11.84 -9.28 10.16
C PHE A 32 -13.12 -8.84 9.45
N GLY A 33 -13.56 -9.67 8.50
CA GLY A 33 -14.75 -9.42 7.71
C GLY A 33 -14.58 -9.74 6.22
N GLU A 34 -15.29 -8.98 5.37
CA GLU A 34 -15.42 -9.27 3.95
C GLU A 34 -15.27 -7.99 3.12
N VAL A 35 -14.79 -8.11 1.87
CA VAL A 35 -14.82 -7.00 0.89
C VAL A 35 -15.66 -7.32 -0.32
N TRP A 36 -16.51 -6.37 -0.70
CA TRP A 36 -17.50 -6.57 -1.80
C TRP A 36 -17.42 -5.41 -2.80
N MET A 37 -17.51 -5.75 -4.08
CA MET A 37 -17.89 -4.79 -5.12
C MET A 37 -19.40 -4.68 -5.02
N GLY A 38 -19.92 -3.49 -5.25
CA GLY A 38 -21.37 -3.32 -5.32
C GLY A 38 -21.75 -2.03 -6.01
N TYR A 39 -22.93 -1.48 -5.69
CA TYR A 39 -23.37 -0.25 -6.32
C TYR A 39 -24.00 0.69 -5.35
N TYR A 40 -23.74 1.97 -5.56
CA TYR A 40 -24.30 2.96 -4.70
C TYR A 40 -25.38 3.66 -5.52
N ASN A 41 -26.59 3.73 -4.95
CA ASN A 41 -27.76 4.26 -5.64
C ASN A 41 -27.79 3.73 -7.05
N GLY A 42 -27.60 2.42 -7.16
CA GLY A 42 -27.79 1.73 -8.41
C GLY A 42 -26.62 1.76 -9.39
N HIS A 43 -25.98 2.93 -9.58
CA HIS A 43 -25.18 3.14 -10.78
C HIS A 43 -23.66 3.14 -10.60
N THR A 44 -23.22 3.67 -9.46
CA THR A 44 -21.80 3.85 -9.18
C THR A 44 -21.16 2.62 -8.54
N LYS A 45 -20.21 2.00 -9.25
CA LYS A 45 -19.50 0.83 -8.72
C LYS A 45 -18.71 1.26 -7.50
N VAL A 46 -18.77 0.48 -6.40
CA VAL A 46 -17.97 0.75 -5.19
C VAL A 46 -17.38 -0.56 -4.63
N ALA A 47 -16.43 -0.40 -3.72
CA ALA A 47 -16.00 -1.51 -2.83
C ALA A 47 -16.43 -1.21 -1.40
N VAL A 48 -16.91 -2.27 -0.74
CA VAL A 48 -17.47 -2.17 0.60
C VAL A 48 -16.76 -3.12 1.51
N LYS A 49 -16.10 -2.60 2.55
CA LYS A 49 -15.54 -3.47 3.62
C LYS A 49 -16.46 -3.53 4.81
N SER A 50 -16.76 -4.77 5.22
CA SER A 50 -17.70 -5.02 6.30
C SER A 50 -16.99 -5.74 7.41
N LEU A 51 -17.23 -5.28 8.63
CA LEU A 51 -16.60 -5.79 9.81
C LEU A 51 -17.41 -6.96 10.35
N LYS A 52 -16.70 -8.06 10.55
CA LYS A 52 -17.26 -9.25 11.16
C LYS A 52 -17.40 -8.94 12.67
N GLN A 53 -18.64 -8.91 13.16
CA GLN A 53 -18.85 -8.42 14.48
C GLN A 53 -17.94 -9.22 15.39
N GLY A 54 -17.52 -8.59 16.47
CA GLY A 54 -16.88 -9.30 17.55
C GLY A 54 -15.45 -9.66 17.26
N SER A 55 -15.07 -9.61 15.99
CA SER A 55 -13.76 -10.05 15.59
C SER A 55 -12.69 -8.98 15.91
N MET A 56 -13.11 -7.74 15.90
CA MET A 56 -12.22 -6.67 16.22
C MET A 56 -13.16 -5.52 16.57
N SER A 57 -12.60 -4.42 17.09
CA SER A 57 -13.37 -3.37 17.74
C SER A 57 -13.94 -2.48 16.69
N PRO A 58 -15.20 -2.04 16.84
CA PRO A 58 -15.65 -1.20 15.73
C PRO A 58 -14.88 0.13 15.69
N ASP A 59 -14.39 0.57 16.83
CA ASP A 59 -13.70 1.83 16.83
C ASP A 59 -12.40 1.75 16.07
N ALA A 60 -11.79 0.55 16.05
CA ALA A 60 -10.50 0.31 15.40
C ALA A 60 -10.68 0.07 13.88
N PHE A 61 -11.85 -0.47 13.53
CA PHE A 61 -12.22 -0.68 12.15
C PHE A 61 -12.33 0.68 11.49
N LEU A 62 -12.96 1.63 12.19
CA LEU A 62 -13.35 2.89 11.59
C LEU A 62 -12.22 3.91 11.57
N ALA A 63 -11.27 3.77 12.48
CA ALA A 63 -10.03 4.57 12.45
C ALA A 63 -9.37 4.59 11.05
N GLU A 64 -9.45 3.50 10.32
CA GLU A 64 -9.01 3.53 8.90
C GLU A 64 -9.77 4.60 8.09
N ALA A 65 -11.11 4.48 8.09
CA ALA A 65 -11.98 5.45 7.45
C ALA A 65 -11.62 6.85 7.90
N ASN A 66 -11.53 7.08 9.23
CA ASN A 66 -11.23 8.41 9.74
C ASN A 66 -9.87 8.94 9.26
N LEU A 67 -8.86 8.07 9.10
CA LEU A 67 -7.57 8.54 8.59
C LEU A 67 -7.70 8.87 7.09
N MET A 68 -8.52 8.11 6.37
CA MET A 68 -8.64 8.35 4.97
C MET A 68 -9.43 9.65 4.70
N LYS A 69 -10.38 9.98 5.57
CA LYS A 69 -11.03 11.31 5.49
C LYS A 69 -9.95 12.41 5.28
N GLN A 70 -8.77 12.24 5.87
CA GLN A 70 -7.72 13.28 5.85
C GLN A 70 -6.79 13.15 4.68
N LEU A 71 -6.73 11.95 4.12
CA LEU A 71 -5.78 11.71 3.05
C LEU A 71 -6.47 11.47 1.76
N GLN A 72 -6.67 12.54 1.02
CA GLN A 72 -7.36 12.50 -0.26
C GLN A 72 -6.46 13.03 -1.40
N HIS A 73 -6.27 12.21 -2.45
CA HIS A 73 -5.43 12.57 -3.59
C HIS A 73 -5.69 11.53 -4.67
N GLN A 74 -5.60 11.89 -5.95
CA GLN A 74 -5.93 10.89 -7.00
C GLN A 74 -5.17 9.56 -6.84
N ARG A 75 -3.89 9.65 -6.49
CA ARG A 75 -3.05 8.44 -6.29
C ARG A 75 -3.45 7.59 -5.07
N LEU A 76 -4.38 8.11 -4.25
CA LEU A 76 -4.90 7.38 -3.08
C LEU A 76 -6.36 6.92 -3.26
N VAL A 77 -6.63 5.61 -3.00
CA VAL A 77 -8.00 5.07 -3.02
C VAL A 77 -8.86 5.93 -2.05
N ARG A 78 -10.01 6.37 -2.56
CA ARG A 78 -10.81 7.42 -2.01
C ARG A 78 -11.92 6.86 -1.14
N LEU A 79 -12.00 7.35 0.10
CA LEU A 79 -13.17 7.10 0.93
C LEU A 79 -14.49 7.68 0.29
N TYR A 80 -15.43 6.81 -0.06
CA TYR A 80 -16.80 7.26 -0.38
C TYR A 80 -17.67 7.55 0.84
N ALA A 81 -17.86 6.58 1.70
CA ALA A 81 -18.85 6.72 2.75
C ALA A 81 -18.64 5.66 3.86
N VAL A 82 -19.35 5.82 4.99
CA VAL A 82 -19.42 4.80 6.05
C VAL A 82 -20.85 4.55 6.49
N VAL A 83 -21.12 3.30 6.87
CA VAL A 83 -22.32 2.96 7.67
C VAL A 83 -21.84 2.50 9.06
N THR A 84 -22.28 3.20 10.10
CA THR A 84 -21.68 3.05 11.41
C THR A 84 -22.66 2.40 12.41
N GLN A 85 -23.46 1.42 11.96
CA GLN A 85 -24.19 0.53 12.89
C GLN A 85 -24.20 -0.97 12.50
N GLU A 86 -25.36 -1.62 12.60
CA GLU A 86 -25.42 -3.12 12.67
C GLU A 86 -24.11 -3.75 12.33
N PRO A 87 -23.95 -4.29 11.07
CA PRO A 87 -22.59 -4.48 10.48
C PRO A 87 -22.07 -3.18 9.87
N ILE A 88 -20.92 -2.75 10.35
CA ILE A 88 -20.21 -1.53 9.94
C ILE A 88 -19.56 -1.66 8.52
N TYR A 89 -19.88 -0.71 7.63
CA TYR A 89 -19.34 -0.76 6.25
C TYR A 89 -18.34 0.39 6.07
N ILE A 90 -17.24 0.13 5.35
CA ILE A 90 -16.43 1.18 4.74
C ILE A 90 -16.57 1.08 3.26
N ILE A 91 -17.07 2.14 2.63
CA ILE A 91 -17.30 2.13 1.19
C ILE A 91 -16.18 2.94 0.51
N THR A 92 -15.53 2.42 -0.54
CA THR A 92 -14.63 3.29 -1.30
C THR A 92 -14.90 3.35 -2.81
N GLU A 93 -14.09 4.18 -3.48
CA GLU A 93 -13.89 4.09 -4.93
C GLU A 93 -13.47 2.70 -5.34
N TYR A 94 -14.00 2.22 -6.47
CA TYR A 94 -13.75 0.85 -6.91
C TYR A 94 -12.50 0.75 -7.81
N MET A 95 -11.60 -0.20 -7.51
CA MET A 95 -10.53 -0.49 -8.46
C MET A 95 -10.76 -1.78 -9.27
N GLU A 96 -10.99 -1.62 -10.56
CA GLU A 96 -11.40 -2.74 -11.36
C GLU A 96 -10.38 -3.90 -11.42
N ASN A 97 -9.09 -3.57 -11.40
CA ASN A 97 -8.08 -4.58 -11.72
C ASN A 97 -7.41 -5.17 -10.47
N GLY A 98 -8.00 -4.93 -9.30
CA GLY A 98 -7.63 -5.69 -8.13
C GLY A 98 -6.25 -5.26 -7.68
N SER A 99 -5.54 -6.13 -6.95
CA SER A 99 -4.23 -5.75 -6.40
C SER A 99 -3.11 -5.85 -7.41
N LEU A 100 -2.13 -4.94 -7.30
CA LEU A 100 -0.95 -4.97 -8.17
C LEU A 100 -0.32 -6.33 -8.22
N VAL A 101 -0.21 -6.96 -7.05
CA VAL A 101 0.58 -8.17 -6.95
C VAL A 101 -0.11 -9.29 -7.75
N ASP A 102 -1.45 -9.35 -7.70
CA ASP A 102 -2.23 -10.31 -8.54
C ASP A 102 -2.31 -9.88 -10.02
N PHE A 103 -2.46 -8.57 -10.26
CA PHE A 103 -2.72 -8.14 -11.61
C PHE A 103 -1.50 -8.43 -12.48
N LEU A 104 -0.34 -8.37 -11.85
CA LEU A 104 0.93 -8.57 -12.55
C LEU A 104 1.10 -9.99 -13.03
N LYS A 105 0.27 -10.89 -12.51
CA LYS A 105 0.33 -12.32 -12.86
C LYS A 105 -0.65 -12.71 -13.98
N THR A 106 -1.55 -11.81 -14.36
CA THR A 106 -2.60 -12.12 -15.32
C THR A 106 -2.10 -12.00 -16.78
N PRO A 107 -2.84 -12.56 -17.78
CA PRO A 107 -2.58 -12.30 -19.18
C PRO A 107 -2.14 -10.87 -19.43
N SER A 108 -3.01 -9.91 -19.08
CA SER A 108 -2.78 -8.49 -19.39
C SER A 108 -1.48 -8.04 -18.73
N GLY A 109 -1.26 -8.50 -17.48
CA GLY A 109 -0.16 -8.00 -16.64
C GLY A 109 1.18 -8.42 -17.20
N ILE A 110 1.13 -9.65 -17.71
CA ILE A 110 2.27 -10.37 -18.23
C ILE A 110 2.73 -9.76 -19.54
N LYS A 111 1.85 -9.08 -20.24
CA LYS A 111 2.26 -8.45 -21.47
C LYS A 111 2.94 -7.07 -21.28
N LEU A 112 2.74 -6.44 -20.12
CA LEU A 112 3.28 -5.10 -19.87
C LEU A 112 4.78 -4.96 -20.23
N THR A 113 5.11 -3.87 -20.90
CA THR A 113 6.51 -3.56 -21.13
C THR A 113 7.14 -3.09 -19.83
N ILE A 114 8.47 -2.99 -19.85
CA ILE A 114 9.24 -2.44 -18.74
C ILE A 114 8.94 -0.95 -18.56
N ASN A 115 8.69 -0.30 -19.68
CA ASN A 115 8.29 1.07 -19.71
C ASN A 115 6.96 1.23 -18.90
N LYS A 116 5.98 0.41 -19.21
CA LYS A 116 4.72 0.53 -18.52
C LYS A 116 4.93 0.33 -17.02
N LEU A 117 5.77 -0.67 -16.66
CA LEU A 117 6.08 -1.01 -15.27
C LEU A 117 6.78 0.14 -14.53
N LEU A 118 7.80 0.72 -15.17
CA LEU A 118 8.45 1.89 -14.59
C LEU A 118 7.47 3.04 -14.42
N ASP A 119 6.57 3.21 -15.40
CA ASP A 119 5.38 4.08 -15.23
C ASP A 119 4.66 3.84 -13.92
N MET A 120 4.09 2.65 -13.76
CA MET A 120 3.29 2.32 -12.57
C MET A 120 4.04 2.60 -11.30
N ALA A 121 5.36 2.39 -11.33
CA ALA A 121 6.20 2.50 -10.14
C ALA A 121 6.29 3.94 -9.76
N ALA A 122 6.22 4.80 -10.78
CA ALA A 122 6.28 6.24 -10.51
C ALA A 122 4.95 6.75 -9.96
N GLN A 123 3.82 6.15 -10.38
CA GLN A 123 2.49 6.50 -9.80
C GLN A 123 2.43 6.18 -8.30
N ILE A 124 3.00 5.03 -7.93
CA ILE A 124 3.07 4.59 -6.52
C ILE A 124 3.92 5.56 -5.71
N ALA A 125 5.10 5.90 -6.23
CA ALA A 125 5.99 6.88 -5.58
C ALA A 125 5.31 8.23 -5.45
N GLU A 126 4.56 8.63 -6.49
CA GLU A 126 3.80 9.87 -6.42
C GLU A 126 2.82 9.80 -5.27
N GLY A 127 2.03 8.77 -5.28
CA GLY A 127 1.08 8.60 -4.20
C GLY A 127 1.72 8.67 -2.83
N MET A 128 2.94 8.14 -2.73
CA MET A 128 3.64 8.23 -1.46
C MET A 128 4.28 9.60 -1.24
N ALA A 129 4.49 10.35 -2.30
CA ALA A 129 5.14 11.64 -2.08
C ALA A 129 4.10 12.55 -1.46
N PHE A 130 2.84 12.11 -1.53
CA PHE A 130 1.74 12.91 -0.92
C PHE A 130 1.64 12.57 0.55
N ILE A 131 1.46 11.28 0.83
CA ILE A 131 1.57 10.71 2.15
C ILE A 131 2.81 11.26 2.88
N GLU A 132 3.97 11.28 2.19
CA GLU A 132 5.19 11.88 2.76
C GLU A 132 4.94 13.24 3.22
N GLU A 133 4.55 14.09 2.29
CA GLU A 133 4.44 15.49 2.62
C GLU A 133 3.30 15.84 3.57
N ARG A 134 2.20 15.07 3.61
CA ARG A 134 1.14 15.35 4.63
C ARG A 134 1.59 14.94 6.05
N ASN A 135 2.75 14.32 6.15
CA ASN A 135 3.24 13.82 7.44
C ASN A 135 2.67 12.51 7.92
N TYR A 136 2.18 11.71 6.97
CA TYR A 136 1.79 10.37 7.33
C TYR A 136 2.87 9.39 6.96
N ILE A 137 2.80 8.22 7.61
CA ILE A 137 3.47 7.02 7.16
C ILE A 137 2.44 5.94 6.85
N HIS A 138 2.78 5.07 5.90
CA HIS A 138 1.95 3.93 5.55
C HIS A 138 2.21 2.63 6.38
N ARG A 139 3.47 2.22 6.45
CA ARG A 139 3.82 1.07 7.29
C ARG A 139 3.47 -0.27 6.71
N ASP A 140 2.69 -0.31 5.64
CA ASP A 140 2.37 -1.61 5.00
C ASP A 140 2.54 -1.63 3.47
N LEU A 141 3.61 -1.03 2.98
CA LEU A 141 3.70 -0.75 1.56
C LEU A 141 4.29 -1.93 0.84
N ARG A 142 3.50 -2.49 -0.07
CA ARG A 142 3.89 -3.70 -0.78
C ARG A 142 2.96 -3.86 -1.98
N ALA A 143 3.36 -4.63 -2.99
CA ALA A 143 2.48 -4.86 -4.11
C ALA A 143 1.05 -5.26 -3.73
N ALA A 144 0.87 -5.99 -2.63
CA ALA A 144 -0.53 -6.42 -2.30
C ALA A 144 -1.40 -5.26 -1.89
N ASN A 145 -0.78 -4.18 -1.40
CA ASN A 145 -1.52 -2.99 -0.97
C ASN A 145 -1.46 -1.80 -1.94
N ILE A 146 -1.18 -2.13 -3.20
CA ILE A 146 -1.40 -1.24 -4.34
C ILE A 146 -2.56 -1.78 -5.13
N LEU A 147 -3.44 -0.88 -5.58
CA LEU A 147 -4.66 -1.30 -6.28
C LEU A 147 -4.64 -0.73 -7.74
N VAL A 148 -5.19 -1.49 -8.71
CA VAL A 148 -5.11 -1.10 -10.14
C VAL A 148 -6.51 -0.80 -10.76
N SER A 149 -6.60 0.28 -11.51
CA SER A 149 -7.89 0.72 -12.15
C SER A 149 -8.12 0.12 -13.52
N ASP A 150 -9.31 0.37 -14.06
CA ASP A 150 -9.60 -0.06 -15.44
C ASP A 150 -8.63 0.53 -16.51
N THR A 151 -8.00 1.68 -16.19
CA THR A 151 -7.10 2.37 -17.13
C THR A 151 -5.60 2.15 -16.91
N LEU A 152 -5.25 1.07 -16.18
CA LEU A 152 -3.86 0.71 -15.73
C LEU A 152 -3.11 1.79 -14.94
N SER A 153 -3.86 2.50 -14.12
CA SER A 153 -3.22 3.34 -13.13
C SER A 153 -3.26 2.69 -11.76
N CYS A 154 -2.50 3.30 -10.86
CA CYS A 154 -2.23 2.69 -9.57
C CYS A 154 -2.55 3.66 -8.43
N LYS A 155 -3.10 3.12 -7.37
CA LYS A 155 -3.31 3.89 -6.13
C LYS A 155 -2.94 3.10 -4.88
N ILE A 156 -2.38 3.82 -3.90
CA ILE A 156 -2.10 3.29 -2.59
C ILE A 156 -3.40 2.85 -1.89
N ALA A 157 -3.35 1.67 -1.27
CA ALA A 157 -4.54 1.10 -0.68
C ALA A 157 -4.30 0.83 0.81
N ASP A 158 -5.15 -0.01 1.41
CA ASP A 158 -4.96 -0.51 2.80
C ASP A 158 -4.19 0.39 3.75
N PHE A 159 -4.93 0.99 4.64
CA PHE A 159 -4.37 1.99 5.51
C PHE A 159 -4.55 1.53 6.96
N GLY A 160 -4.55 0.21 7.15
CA GLY A 160 -4.75 -0.38 8.44
C GLY A 160 -3.76 0.20 9.41
N LEU A 161 -2.50 0.30 8.97
CA LEU A 161 -1.42 0.65 9.90
C LEU A 161 -0.93 2.09 9.74
N ALA A 162 -1.53 2.83 8.81
CA ALA A 162 -1.14 4.19 8.46
C ALA A 162 -1.36 5.18 9.61
N ARG A 163 -0.44 6.12 9.78
CA ARG A 163 -0.44 6.95 10.99
C ARG A 163 0.03 8.36 10.66
N LEU A 164 -0.58 9.38 11.28
CA LEU A 164 -0.04 10.78 11.30
C LEU A 164 1.05 10.89 12.36
N ILE A 165 2.18 11.53 12.08
CA ILE A 165 3.14 11.72 13.15
C ILE A 165 3.35 13.17 13.64
N GLU A 166 3.22 13.39 14.96
CA GLU A 166 3.59 14.69 15.57
C GLU A 166 5.07 15.06 15.30
N ASP A 167 6.02 14.34 15.93
CA ASP A 167 7.45 14.28 15.47
C ASP A 167 7.84 12.92 14.89
N ASN A 168 8.97 12.91 14.19
CA ASN A 168 9.30 11.94 13.14
C ASN A 168 9.04 10.46 13.40
N GLU A 169 9.03 10.08 14.68
CA GLU A 169 9.01 8.68 15.11
C GLU A 169 7.56 8.23 15.36
N PTR A 170 7.18 7.06 14.82
CA PTR A 170 6.13 6.29 15.43
C PTR A 170 6.73 4.98 15.90
O PTR A 170 7.50 4.41 15.15
CB PTR A 170 4.93 6.11 14.55
CG PTR A 170 3.84 5.24 15.16
CD1 PTR A 170 2.55 5.76 15.40
CD2 PTR A 170 4.04 3.86 15.27
CE1 PTR A 170 1.48 4.94 15.68
CE2 PTR A 170 3.00 3.06 15.73
CZ PTR A 170 1.72 3.58 15.92
OH PTR A 170 0.65 2.69 16.06
P PTR A 170 -0.30 2.45 17.39
O1P PTR A 170 0.52 2.83 18.61
O2P PTR A 170 -0.56 0.97 17.22
O3P PTR A 170 -1.52 3.38 17.20
N THR A 171 6.60 4.69 17.21
CA THR A 171 7.18 3.49 17.84
C THR A 171 6.05 2.49 18.17
N ALA A 172 6.10 1.31 17.55
CA ALA A 172 5.12 0.24 17.84
C ALA A 172 5.25 -0.31 19.26
N ARG A 173 4.29 -1.14 19.67
CA ARG A 173 4.30 -1.77 20.98
C ARG A 173 5.22 -2.96 20.93
N GLU A 174 6.21 -2.98 21.82
CA GLU A 174 7.26 -4.02 21.85
C GLU A 174 6.98 -5.44 21.25
N GLY A 175 5.75 -5.96 21.40
CA GLY A 175 5.39 -7.32 20.91
C GLY A 175 4.75 -7.41 19.52
N ALA A 176 5.13 -6.50 18.63
CA ALA A 176 4.54 -6.36 17.30
C ALA A 176 5.38 -7.08 16.24
N LYS A 177 4.71 -7.82 15.34
CA LYS A 177 5.41 -8.42 14.19
C LYS A 177 4.91 -7.85 12.85
N PHE A 178 5.87 -7.48 11.99
CA PHE A 178 5.57 -7.04 10.60
C PHE A 178 6.36 -7.89 9.60
N PRO A 179 5.84 -8.04 8.36
CA PRO A 179 6.38 -8.91 7.30
C PRO A 179 7.84 -8.62 7.13
N ILE A 180 8.71 -9.55 7.48
CA ILE A 180 10.13 -9.23 7.62
C ILE A 180 10.74 -8.80 6.28
N LYS A 181 10.30 -9.42 5.21
CA LYS A 181 11.00 -9.25 3.93
C LYS A 181 10.78 -7.84 3.43
N TRP A 182 9.71 -7.17 3.93
CA TRP A 182 9.24 -5.88 3.36
C TRP A 182 9.58 -4.67 4.22
N THR A 183 9.95 -4.93 5.48
CA THR A 183 10.05 -3.91 6.48
C THR A 183 11.51 -3.63 6.80
N ALA A 184 11.74 -2.41 7.27
CA ALA A 184 13.05 -1.82 7.35
C ALA A 184 13.70 -2.30 8.65
N PRO A 185 15.03 -2.52 8.66
CA PRO A 185 15.66 -3.07 9.85
C PRO A 185 15.28 -2.37 11.19
N GLU A 186 15.22 -1.05 11.20
CA GLU A 186 14.99 -0.35 12.41
C GLU A 186 13.50 -0.56 12.80
N ALA A 187 12.66 -0.91 11.87
CA ALA A 187 11.26 -1.02 12.23
C ALA A 187 11.08 -2.39 12.84
N ILE A 188 11.76 -3.37 12.25
CA ILE A 188 11.76 -4.72 12.79
C ILE A 188 12.47 -4.76 14.14
N ASN A 189 13.55 -4.02 14.27
CA ASN A 189 14.36 -4.13 15.48
C ASN A 189 13.94 -3.28 16.69
N TYR A 190 13.57 -2.01 16.47
CA TYR A 190 13.34 -1.04 17.54
C TYR A 190 11.88 -0.65 17.54
N GLY A 191 11.18 -1.05 16.47
CA GLY A 191 9.77 -0.83 16.35
C GLY A 191 9.54 0.61 15.96
N THR A 192 10.64 1.29 15.59
CA THR A 192 10.61 2.66 15.07
C THR A 192 10.29 2.75 13.51
N PHE A 193 9.20 3.45 13.15
CA PHE A 193 8.79 3.66 11.74
C PHE A 193 8.87 5.17 11.39
N THR A 194 9.35 5.48 10.18
CA THR A 194 9.33 6.90 9.66
C THR A 194 9.06 6.82 8.16
N ILE A 195 8.76 7.93 7.51
CA ILE A 195 8.54 7.83 6.09
C ILE A 195 9.73 7.12 5.41
N LYS A 196 10.91 7.08 6.09
CA LYS A 196 12.16 6.39 5.56
C LYS A 196 12.07 4.82 5.56
N SER A 197 11.30 4.28 6.52
CA SER A 197 10.95 2.88 6.56
C SER A 197 10.18 2.51 5.35
N ASP A 198 9.19 3.34 5.03
CA ASP A 198 8.30 3.15 3.86
C ASP A 198 9.10 3.17 2.55
N VAL A 199 10.02 4.13 2.44
CA VAL A 199 11.00 4.12 1.36
C VAL A 199 11.69 2.76 1.21
N TRP A 200 12.19 2.20 2.31
CA TRP A 200 12.81 0.89 2.24
C TRP A 200 11.84 -0.14 1.62
N SER A 201 10.59 -0.16 2.07
CA SER A 201 9.61 -1.11 1.54
C SER A 201 9.37 -0.82 0.11
N PHE A 202 9.14 0.43 -0.24
CA PHE A 202 8.99 0.75 -1.62
C PHE A 202 10.14 0.07 -2.45
N GLY A 203 11.38 0.20 -1.97
CA GLY A 203 12.48 -0.51 -2.52
C GLY A 203 12.09 -1.94 -2.87
N ILE A 204 11.49 -2.64 -1.90
CA ILE A 204 11.14 -4.08 -2.02
C ILE A 204 10.05 -4.30 -3.01
N LEU A 205 9.15 -3.32 -3.09
CA LEU A 205 7.98 -3.40 -3.98
C LEU A 205 8.44 -3.27 -5.43
N LEU A 206 9.41 -2.39 -5.65
CA LEU A 206 10.11 -2.32 -6.96
C LEU A 206 10.50 -3.68 -7.50
N THR A 207 10.88 -4.55 -6.60
CA THR A 207 11.34 -5.92 -6.93
C THR A 207 10.12 -6.79 -7.29
N GLU A 208 8.99 -6.54 -6.62
CA GLU A 208 7.73 -7.18 -7.00
C GLU A 208 7.19 -6.69 -8.34
N ILE A 209 7.31 -5.40 -8.64
CA ILE A 209 6.83 -4.96 -9.95
C ILE A 209 7.62 -5.71 -11.02
N VAL A 210 8.96 -5.71 -10.87
CA VAL A 210 9.86 -6.04 -11.97
C VAL A 210 10.00 -7.52 -12.12
N THR A 211 9.60 -8.28 -11.09
CA THR A 211 9.56 -9.75 -11.21
C THR A 211 8.13 -10.24 -11.31
N HIS A 212 7.23 -9.36 -11.70
CA HIS A 212 5.80 -9.70 -11.69
C HIS A 212 5.24 -10.09 -10.35
N GLY A 213 4.84 -11.29 -10.21
CA GLY A 213 4.44 -11.68 -8.85
C GLY A 213 5.43 -11.68 -7.67
N ARG A 214 6.69 -12.06 -7.90
CA ARG A 214 7.43 -12.96 -6.95
C ARG A 214 7.70 -12.48 -5.53
N ILE A 215 7.85 -13.47 -4.63
CA ILE A 215 8.21 -13.23 -3.21
C ILE A 215 9.69 -12.81 -3.14
N PRO A 216 9.97 -11.65 -2.51
CA PRO A 216 11.36 -11.11 -2.55
C PRO A 216 12.34 -12.05 -1.87
N TYR A 217 13.65 -11.83 -2.09
CA TYR A 217 14.70 -12.62 -1.48
C TYR A 217 14.48 -14.09 -1.75
N PRO A 218 14.61 -14.49 -3.03
CA PRO A 218 14.15 -15.77 -3.61
C PRO A 218 14.37 -17.09 -2.86
N GLY A 219 15.55 -17.37 -2.35
CA GLY A 219 15.71 -18.70 -1.67
C GLY A 219 15.77 -18.65 -0.14
N MET A 220 15.46 -17.49 0.40
CA MET A 220 15.78 -17.15 1.76
C MET A 220 14.58 -17.10 2.71
N THR A 221 14.79 -17.72 3.86
CA THR A 221 13.93 -17.61 5.01
C THR A 221 14.20 -16.27 5.72
N ASN A 222 13.25 -15.82 6.51
CA ASN A 222 13.49 -14.68 7.32
C ASN A 222 14.85 -14.48 8.03
N PRO A 223 15.34 -15.50 8.78
CA PRO A 223 16.61 -15.37 9.46
C PRO A 223 17.78 -15.27 8.44
N GLU A 224 17.74 -16.07 7.39
CA GLU A 224 18.70 -15.88 6.32
C GLU A 224 18.68 -14.47 5.78
N VAL A 225 17.48 -13.91 5.51
CA VAL A 225 17.35 -12.50 5.06
C VAL A 225 17.91 -11.43 6.06
N ILE A 226 17.51 -11.50 7.32
CA ILE A 226 18.20 -10.75 8.36
C ILE A 226 19.73 -10.97 8.39
N GLN A 227 20.20 -12.19 8.41
CA GLN A 227 21.66 -12.35 8.50
C GLN A 227 22.41 -11.67 7.33
N ASN A 228 21.94 -11.89 6.11
CA ASN A 228 22.45 -11.15 4.98
C ASN A 228 22.50 -9.60 5.04
N LEU A 229 21.40 -8.98 5.46
CA LEU A 229 21.40 -7.50 5.56
C LEU A 229 22.52 -7.02 6.47
N GLU A 230 22.82 -7.83 7.48
CA GLU A 230 23.65 -7.37 8.58
C GLU A 230 25.09 -7.47 8.17
N ARG A 231 25.33 -8.25 7.13
CA ARG A 231 26.66 -8.35 6.54
C ARG A 231 26.93 -7.20 5.62
N GLY A 232 25.88 -6.45 5.28
CA GLY A 232 26.00 -5.40 4.27
C GLY A 232 25.55 -5.78 2.85
N TYR A 233 25.21 -7.04 2.62
CA TYR A 233 24.51 -7.45 1.38
C TYR A 233 23.11 -6.85 1.28
N ARG A 234 22.56 -6.88 0.04
CA ARG A 234 21.11 -6.65 -0.26
C ARG A 234 20.58 -7.68 -1.25
N MET A 235 19.38 -7.46 -1.74
CA MET A 235 18.76 -8.51 -2.52
C MET A 235 19.58 -8.61 -3.81
N VAL A 236 19.89 -9.86 -4.14
CA VAL A 236 20.32 -10.23 -5.46
C VAL A 236 19.43 -9.62 -6.61
N ARG A 237 20.12 -8.99 -7.57
CA ARG A 237 19.52 -8.39 -8.73
C ARG A 237 18.51 -9.35 -9.26
N PRO A 238 17.23 -8.98 -9.11
CA PRO A 238 16.19 -9.85 -9.65
C PRO A 238 16.45 -10.16 -11.15
N ASP A 239 16.14 -11.39 -11.60
CA ASP A 239 16.16 -11.69 -13.05
C ASP A 239 15.52 -10.57 -13.85
N ASN A 240 16.21 -10.14 -14.90
CA ASN A 240 15.68 -9.12 -15.84
C ASN A 240 15.36 -7.75 -15.22
N CYS A 241 16.23 -7.28 -14.33
CA CYS A 241 15.97 -6.01 -13.64
C CYS A 241 16.93 -4.94 -14.17
N PRO A 242 16.41 -3.93 -14.89
CA PRO A 242 17.39 -2.98 -15.47
C PRO A 242 18.33 -2.52 -14.36
N GLU A 243 19.63 -2.57 -14.62
CA GLU A 243 20.62 -2.14 -13.64
C GLU A 243 20.35 -0.76 -12.97
N GLU A 244 19.76 0.16 -13.72
CA GLU A 244 19.39 1.46 -13.17
C GLU A 244 18.42 1.40 -11.98
N LEU A 245 17.29 0.71 -12.22
CA LEU A 245 16.21 0.50 -11.23
C LEU A 245 16.78 -0.28 -10.04
N TYR A 246 17.67 -1.21 -10.31
CA TYR A 246 18.35 -1.82 -9.20
C TYR A 246 19.19 -0.84 -8.35
N GLN A 247 19.85 0.13 -8.98
CA GLN A 247 20.67 1.06 -8.17
C GLN A 247 19.75 1.99 -7.41
N LEU A 248 18.58 2.19 -7.96
CA LEU A 248 17.50 2.87 -7.25
C LEU A 248 17.03 2.07 -6.03
N MET A 249 16.81 0.76 -6.16
CA MET A 249 16.35 -0.01 -5.01
C MET A 249 17.47 0.11 -4.00
N ARG A 250 18.67 0.32 -4.48
CA ARG A 250 19.75 0.35 -3.57
C ARG A 250 19.80 1.60 -2.70
N LEU A 251 19.56 2.79 -3.26
CA LEU A 251 19.37 3.96 -2.35
C LEU A 251 18.18 3.75 -1.41
N CYS A 252 17.12 3.05 -1.89
CA CYS A 252 15.99 2.70 -1.00
C CYS A 252 16.45 1.85 0.18
N TRP A 253 17.58 1.15 0.04
CA TRP A 253 18.04 0.26 1.13
C TRP A 253 19.29 0.70 1.85
N LYS A 254 19.66 1.97 1.74
CA LYS A 254 20.73 2.53 2.61
C LYS A 254 20.55 2.14 4.10
N GLU A 255 21.67 2.07 4.81
CA GLU A 255 21.75 1.54 6.15
C GLU A 255 21.05 2.47 7.16
N ARG A 256 21.38 3.75 7.12
CA ARG A 256 20.78 4.79 7.92
C ARG A 256 19.54 5.43 7.21
N PRO A 257 18.41 5.54 7.92
CA PRO A 257 17.24 6.06 7.19
C PRO A 257 17.44 7.44 6.53
N GLU A 258 18.13 8.38 7.21
CA GLU A 258 18.26 9.76 6.68
C GLU A 258 19.08 9.80 5.40
N ASP A 259 19.78 8.69 5.12
CA ASP A 259 20.49 8.56 3.86
C ASP A 259 19.59 8.07 2.79
N ARG A 260 18.49 7.43 3.21
CA ARG A 260 17.46 6.96 2.24
C ARG A 260 16.81 8.17 1.58
N PRO A 261 16.42 8.03 0.27
CA PRO A 261 15.96 9.17 -0.52
C PRO A 261 14.54 9.61 -0.21
N THR A 262 14.11 10.77 -0.70
CA THR A 262 12.70 11.14 -0.57
C THR A 262 11.82 10.35 -1.53
N PHE A 263 10.53 10.43 -1.28
CA PHE A 263 9.57 9.90 -2.24
C PHE A 263 9.43 10.84 -3.45
N ASP A 264 9.48 12.15 -3.26
CA ASP A 264 9.37 13.05 -4.40
C ASP A 264 10.54 12.76 -5.39
N TYR A 265 11.68 12.36 -4.83
CA TYR A 265 12.87 12.22 -5.62
C TYR A 265 12.82 10.93 -6.47
N LEU A 266 12.41 9.85 -5.81
CA LEU A 266 12.05 8.59 -6.48
C LEU A 266 11.05 8.78 -7.63
N ARG A 267 9.97 9.50 -7.39
CA ARG A 267 9.07 9.85 -8.44
C ARG A 267 9.83 10.48 -9.56
N SER A 268 10.47 11.60 -9.23
CA SER A 268 11.28 12.37 -10.17
C SER A 268 12.10 11.45 -11.01
N VAL A 269 12.91 10.61 -10.36
CA VAL A 269 13.75 9.67 -11.08
C VAL A 269 12.91 8.66 -11.89
N LEU A 270 11.88 8.07 -11.29
CA LEU A 270 11.12 7.06 -12.01
C LEU A 270 10.47 7.62 -13.29
N GLU A 271 10.17 8.93 -13.28
CA GLU A 271 9.60 9.57 -14.52
C GLU A 271 10.61 9.69 -15.67
N ASP A 272 11.84 9.95 -15.30
CA ASP A 272 12.89 9.98 -16.28
C ASP A 272 13.11 8.60 -16.88
N PHE A 273 13.31 7.58 -16.02
CA PHE A 273 13.50 6.19 -16.49
C PHE A 273 12.36 5.87 -17.43
N PHE A 274 11.14 6.19 -16.99
CA PHE A 274 9.94 5.87 -17.76
C PHE A 274 9.94 6.50 -19.17
N THR A 275 10.15 7.82 -19.25
CA THR A 275 10.07 8.50 -20.56
C THR A 275 11.33 8.30 -21.37
N ALA A 276 12.43 7.97 -20.71
CA ALA A 276 13.67 7.66 -21.41
C ALA A 276 13.51 6.33 -22.19
N THR A 277 12.39 5.63 -21.98
CA THR A 277 12.13 4.38 -22.69
C THR A 277 10.77 4.33 -23.50
S SO4 B . 25.79 -6.77 -2.59
O1 SO4 B . 25.67 -8.22 -2.79
O2 SO4 B . 27.05 -6.51 -1.82
O3 SO4 B . 24.62 -6.26 -1.91
O4 SO4 B . 25.86 -6.07 -3.87
C8 KSL C . -8.25 0.44 0.41
C7 KSL C . -9.58 0.31 1.17
C5 KSL C . -9.64 0.56 2.53
C4 KSL C . -10.82 0.44 3.26
C3 KSL C . -11.95 -0.13 2.66
C6 KSL C . -10.78 -0.20 0.46
C2 KSL C . -11.99 -0.40 1.27
C1 KSL C . -13.24 -0.88 0.58
N9 KSL C . -10.78 -0.53 -0.87
C10 KSL C . -10.63 -1.81 -1.40
C18 KSL C . -10.92 -2.09 -2.82
C17 KSL C . -11.36 -1.27 -3.93
N16 KSL C . -11.38 -2.06 -5.01
C15 KSL C . -10.99 -3.30 -4.64
N14 KSL C . -10.67 -3.30 -3.32
C13 KSL C . -10.22 -4.30 -2.51
C12 KSL C . -9.98 -4.04 -1.16
N11 KSL C . -10.14 -2.82 -0.65
C19 KSL C . -9.93 -5.67 -3.04
C24 KSL C . -9.65 -5.86 -4.37
C23 KSL C . -9.30 -7.12 -4.84
C22 KSL C . -9.35 -8.22 -3.98
C21 KSL C . -9.61 -8.03 -2.64
C20 KSL C . -9.87 -6.75 -2.17
#